data_6QB0
#
_entry.id   6QB0
#
_entity_poly.entity_id   1
_entity_poly.type   'polypeptide(L)'
_entity_poly.pdbx_seq_one_letter_code
;LGQQQAFPPQQPY
;
_entity_poly.pdbx_strand_id   A
#
# COMPACT_ATOMS: atom_id res chain seq x y z
N LEU A 1 -3.97 -12.00 -1.99
CA LEU A 1 -3.96 -11.20 -3.22
C LEU A 1 -4.01 -9.71 -2.89
N GLY A 2 -2.88 -9.04 -3.05
CA GLY A 2 -2.83 -7.61 -2.77
C GLY A 2 -1.81 -6.89 -3.64
N GLN A 3 -0.54 -7.12 -3.40
CA GLN A 3 0.53 -6.49 -4.17
C GLN A 3 0.48 -4.97 -4.02
N GLN A 4 0.81 -4.49 -2.82
CA GLN A 4 0.82 -3.06 -2.55
C GLN A 4 1.38 -2.77 -1.17
N GLN A 5 2.66 -3.07 -0.98
CA GLN A 5 3.31 -2.85 0.30
C GLN A 5 3.08 -1.42 0.79
N ALA A 6 3.01 -0.48 -0.15
CA ALA A 6 2.78 0.92 0.19
C ALA A 6 3.93 1.48 1.01
N PHE A 7 5.06 1.72 0.35
CA PHE A 7 6.24 2.26 1.02
C PHE A 7 6.00 3.69 1.49
N PRO A 8 5.68 4.58 0.54
CA PRO A 8 5.41 5.99 0.84
C PRO A 8 4.11 6.19 1.60
N PRO A 9 3.91 7.40 2.13
CA PRO A 9 2.70 7.74 2.89
C PRO A 9 1.46 7.82 2.00
N GLN A 10 0.56 6.86 2.17
CA GLN A 10 -0.67 6.83 1.39
C GLN A 10 -1.53 5.63 1.79
N GLN A 11 -2.40 5.84 2.77
CA GLN A 11 -3.29 4.78 3.25
C GLN A 11 -4.51 5.36 3.94
N PRO A 12 -5.42 5.94 3.16
CA PRO A 12 -6.66 6.55 3.68
C PRO A 12 -7.64 5.50 4.20
N TYR A 13 -7.92 5.57 5.49
CA TYR A 13 -8.84 4.63 6.13
C TYR A 13 -9.67 5.32 7.20
N LEU A 1 -0.66 -11.98 -8.72
CA LEU A 1 0.37 -12.87 -8.20
C LEU A 1 1.41 -12.09 -7.38
N GLY A 2 1.07 -11.83 -6.13
CA GLY A 2 1.99 -11.09 -5.27
C GLY A 2 1.35 -10.75 -3.93
N GLN A 3 0.19 -10.12 -3.96
CA GLN A 3 -0.50 -9.73 -2.75
C GLN A 3 0.33 -8.74 -1.93
N GLN A 4 0.47 -7.53 -2.44
CA GLN A 4 1.24 -6.50 -1.75
C GLN A 4 1.12 -5.17 -2.48
N GLN A 5 -0.06 -4.56 -2.43
CA GLN A 5 -0.29 -3.29 -3.08
C GLN A 5 0.77 -2.27 -2.70
N ALA A 6 1.06 -2.18 -1.40
CA ALA A 6 2.07 -1.26 -0.90
C ALA A 6 1.66 0.19 -1.19
N PHE A 7 0.68 0.69 -0.45
CA PHE A 7 0.20 2.05 -0.63
C PHE A 7 1.36 3.05 -0.58
N PRO A 8 1.14 4.24 -1.15
CA PRO A 8 2.16 5.30 -1.19
C PRO A 8 2.44 5.88 0.19
N PRO A 9 3.52 6.67 0.29
CA PRO A 9 3.91 7.31 1.55
C PRO A 9 2.96 8.41 1.96
N GLN A 10 2.99 8.77 3.24
CA GLN A 10 2.11 9.83 3.77
C GLN A 10 0.66 9.56 3.40
N GLN A 11 0.03 8.64 4.14
CA GLN A 11 -1.36 8.30 3.90
C GLN A 11 -1.89 7.34 4.96
N PRO A 12 -2.06 7.88 6.18
CA PRO A 12 -2.56 7.10 7.32
C PRO A 12 -4.02 6.72 7.17
N TYR A 13 -4.36 5.49 7.55
CA TYR A 13 -5.73 5.01 7.46
C TYR A 13 -6.56 5.47 8.65
N LEU A 1 -4.95 -9.01 -3.60
CA LEU A 1 -3.94 -8.17 -2.96
C LEU A 1 -3.41 -8.82 -1.69
N GLY A 2 -2.20 -8.45 -1.30
CA GLY A 2 -1.59 -9.00 -0.10
C GLY A 2 -0.41 -8.19 0.39
N GLN A 3 -0.51 -6.87 0.24
CA GLN A 3 0.56 -5.97 0.68
C GLN A 3 1.85 -6.25 -0.09
N GLN A 4 1.85 -5.92 -1.38
CA GLN A 4 3.02 -6.13 -2.22
C GLN A 4 2.81 -5.54 -3.61
N GLN A 5 3.06 -4.23 -3.73
CA GLN A 5 2.90 -3.54 -5.00
C GLN A 5 3.25 -2.07 -4.87
N ALA A 6 4.24 -1.78 -4.02
CA ALA A 6 4.67 -0.40 -3.81
C ALA A 6 3.54 0.45 -3.23
N PHE A 7 3.25 0.22 -1.94
CA PHE A 7 2.18 0.96 -1.26
C PHE A 7 2.37 2.46 -1.45
N PRO A 8 1.27 3.21 -1.31
CA PRO A 8 1.28 4.68 -1.45
C PRO A 8 2.01 5.37 -0.30
N PRO A 9 2.29 6.67 -0.48
CA PRO A 9 2.99 7.46 0.54
C PRO A 9 2.14 7.71 1.77
N GLN A 10 2.35 6.91 2.81
CA GLN A 10 1.60 7.05 4.04
C GLN A 10 0.10 7.06 3.77
N GLN A 11 -0.46 5.87 3.55
CA GLN A 11 -1.88 5.74 3.27
C GLN A 11 -2.32 4.28 3.31
N PRO A 12 -2.35 3.70 4.52
CA PRO A 12 -2.74 2.31 4.72
C PRO A 12 -4.22 2.08 4.47
N TYR A 13 -4.54 1.04 3.71
CA TYR A 13 -5.93 0.72 3.40
C TYR A 13 -6.44 -0.41 4.29
N LEU A 1 -0.75 -11.90 -10.25
CA LEU A 1 0.27 -11.82 -9.20
C LEU A 1 0.10 -10.55 -8.38
N GLY A 2 0.60 -10.59 -7.14
CA GLY A 2 0.50 -9.43 -6.27
C GLY A 2 1.03 -9.71 -4.88
N GLN A 3 0.21 -10.36 -4.04
CA GLN A 3 0.62 -10.67 -2.69
C GLN A 3 0.90 -9.40 -1.88
N GLN A 4 -0.16 -8.65 -1.59
CA GLN A 4 -0.02 -7.42 -0.83
C GLN A 4 0.91 -6.45 -1.54
N GLN A 5 0.40 -5.76 -2.55
CA GLN A 5 1.19 -4.80 -3.31
C GLN A 5 1.89 -3.82 -2.38
N ALA A 6 1.26 -3.53 -1.25
CA ALA A 6 1.83 -2.61 -0.27
C ALA A 6 1.96 -1.20 -0.85
N PHE A 7 0.83 -0.51 -0.99
CA PHE A 7 0.82 0.84 -1.53
C PHE A 7 1.82 1.73 -0.80
N PRO A 8 2.26 2.80 -1.48
CA PRO A 8 3.23 3.75 -0.91
C PRO A 8 2.63 4.58 0.21
N PRO A 9 3.49 5.29 0.95
CA PRO A 9 3.08 6.13 2.08
C PRO A 9 2.31 7.37 1.62
N GLN A 10 1.15 7.60 2.21
CA GLN A 10 0.32 8.74 1.87
C GLN A 10 -0.95 8.77 2.70
N GLN A 11 -0.88 9.42 3.86
CA GLN A 11 -2.03 9.52 4.75
C GLN A 11 -2.51 8.13 5.18
N PRO A 12 -1.69 7.45 5.99
CA PRO A 12 -2.01 6.11 6.50
C PRO A 12 -3.16 6.12 7.50
N TYR A 13 -4.25 5.46 7.14
CA TYR A 13 -5.42 5.40 8.01
C TYR A 13 -5.65 3.98 8.52
N LEU A 1 -3.43 -4.28 0.51
CA LEU A 1 -2.89 -5.18 -0.50
C LEU A 1 -2.69 -4.46 -1.83
N GLY A 2 -1.44 -4.15 -2.14
CA GLY A 2 -1.12 -3.47 -3.38
C GLY A 2 -0.67 -4.42 -4.47
N GLN A 3 0.07 -5.45 -4.07
CA GLN A 3 0.57 -6.43 -5.03
C GLN A 3 1.51 -5.77 -6.04
N GLN A 4 2.69 -5.36 -5.57
CA GLN A 4 3.67 -4.72 -6.42
C GLN A 4 4.97 -4.49 -5.67
N GLN A 5 5.68 -5.57 -5.36
CA GLN A 5 6.95 -5.48 -4.64
C GLN A 5 6.79 -4.64 -3.38
N ALA A 6 5.75 -4.94 -2.59
CA ALA A 6 5.49 -4.20 -1.36
C ALA A 6 5.19 -2.74 -1.64
N PHE A 7 3.99 -2.48 -2.16
CA PHE A 7 3.58 -1.12 -2.47
C PHE A 7 3.77 -0.19 -1.27
N PRO A 8 3.90 1.11 -1.55
CA PRO A 8 4.10 2.13 -0.51
C PRO A 8 2.86 2.32 0.36
N PRO A 9 3.02 3.03 1.49
CA PRO A 9 1.92 3.30 2.41
C PRO A 9 0.90 4.27 1.84
N GLN A 10 -0.31 4.26 2.39
CA GLN A 10 -1.37 5.14 1.93
C GLN A 10 -2.64 4.91 2.74
N GLN A 11 -2.78 5.65 3.84
CA GLN A 11 -3.95 5.54 4.71
C GLN A 11 -4.03 6.71 5.68
N PRO A 12 -4.38 7.89 5.16
CA PRO A 12 -4.49 9.11 5.97
C PRO A 12 -5.68 9.06 6.91
N TYR A 13 -5.46 8.50 8.10
CA TYR A 13 -6.52 8.39 9.10
C TYR A 13 -6.44 9.52 10.10
N LEU A 1 7.12 -11.62 -6.73
CA LEU A 1 5.75 -11.21 -6.45
C LEU A 1 4.77 -12.33 -6.78
N GLY A 2 3.60 -12.30 -6.14
CA GLY A 2 2.60 -13.32 -6.38
C GLY A 2 1.25 -12.94 -5.79
N GLN A 3 0.49 -12.14 -6.52
CA GLN A 3 -0.82 -11.72 -6.07
C GLN A 3 -0.72 -10.91 -4.77
N GLN A 4 -0.17 -9.71 -4.86
CA GLN A 4 -0.01 -8.85 -3.71
C GLN A 4 0.52 -7.47 -4.12
N GLN A 5 -0.36 -6.66 -4.71
CA GLN A 5 0.03 -5.33 -5.15
C GLN A 5 0.71 -4.56 -4.02
N ALA A 6 0.05 -4.48 -2.88
CA ALA A 6 0.59 -3.77 -1.73
C ALA A 6 0.75 -2.28 -2.02
N PHE A 7 -0.36 -1.57 -2.05
CA PHE A 7 -0.35 -0.14 -2.33
C PHE A 7 0.63 0.58 -1.41
N PRO A 8 1.10 1.76 -1.84
CA PRO A 8 2.05 2.56 -1.08
C PRO A 8 1.43 3.17 0.17
N PRO A 9 2.28 3.71 1.06
CA PRO A 9 1.84 4.33 2.31
C PRO A 9 1.09 5.64 2.08
N GLN A 10 0.15 5.94 2.96
CA GLN A 10 -0.64 7.17 2.84
C GLN A 10 -1.65 7.27 3.98
N GLN A 11 -1.23 7.88 5.09
CA GLN A 11 -2.10 8.05 6.24
C GLN A 11 -1.98 9.45 6.83
N PRO A 12 -2.54 10.44 6.12
CA PRO A 12 -2.51 11.84 6.55
C PRO A 12 -3.36 12.09 7.78
N TYR A 13 -2.85 12.91 8.70
CA TYR A 13 -3.56 13.22 9.93
C TYR A 13 -4.41 14.48 9.75
N LEU A 1 5.34 -14.67 -10.47
CA LEU A 1 4.24 -14.60 -9.53
C LEU A 1 4.39 -13.39 -8.59
N GLY A 2 3.75 -12.29 -8.94
CA GLY A 2 3.84 -11.09 -8.13
C GLY A 2 3.21 -11.27 -6.76
N GLN A 3 1.90 -11.03 -6.68
CA GLN A 3 1.18 -11.18 -5.43
C GLN A 3 1.71 -10.20 -4.38
N GLN A 4 1.45 -8.91 -4.60
CA GLN A 4 1.90 -7.87 -3.68
C GLN A 4 1.35 -6.50 -4.08
N GLN A 5 0.08 -6.29 -3.79
CA GLN A 5 -0.58 -5.02 -4.11
C GLN A 5 0.25 -3.83 -3.61
N ALA A 6 0.46 -3.77 -2.30
CA ALA A 6 1.23 -2.69 -1.70
C ALA A 6 0.56 -1.34 -1.92
N PHE A 7 -0.53 -1.11 -1.19
CA PHE A 7 -1.27 0.15 -1.30
C PHE A 7 -0.34 1.34 -1.16
N PRO A 8 -0.76 2.49 -1.70
CA PRO A 8 0.02 3.73 -1.65
C PRO A 8 0.10 4.32 -0.24
N PRO A 9 0.99 5.29 -0.05
CA PRO A 9 1.18 5.96 1.25
C PRO A 9 -0.01 6.83 1.63
N GLN A 10 -0.20 7.03 2.92
CA GLN A 10 -1.30 7.84 3.42
C GLN A 10 -1.28 7.92 4.94
N GLN A 11 -0.57 8.91 5.47
CA GLN A 11 -0.47 9.09 6.92
C GLN A 11 -1.82 9.50 7.51
N PRO A 12 -1.97 9.31 8.83
CA PRO A 12 -3.20 9.65 9.54
C PRO A 12 -3.41 11.17 9.64
N TYR A 13 -4.53 11.63 9.10
CA TYR A 13 -4.85 13.06 9.12
C TYR A 13 -5.53 13.44 10.43
N LEU A 1 5.80 -12.64 -4.00
CA LEU A 1 5.03 -11.97 -5.05
C LEU A 1 3.89 -12.84 -5.55
N GLY A 2 2.67 -12.49 -5.18
CA GLY A 2 1.51 -13.26 -5.61
C GLY A 2 0.22 -12.49 -5.43
N GLN A 3 -0.11 -11.66 -6.41
CA GLN A 3 -1.33 -10.86 -6.36
C GLN A 3 -1.32 -9.91 -5.17
N GLN A 4 -0.45 -8.90 -5.23
CA GLN A 4 -0.34 -7.93 -4.15
C GLN A 4 0.61 -6.81 -4.53
N GLN A 5 0.15 -5.91 -5.40
CA GLN A 5 0.97 -4.79 -5.85
C GLN A 5 1.57 -4.05 -4.66
N ALA A 6 0.84 -4.04 -3.54
CA ALA A 6 1.31 -3.36 -2.34
C ALA A 6 1.44 -1.86 -2.56
N PHE A 7 0.30 -1.17 -2.62
CA PHE A 7 0.29 0.27 -2.82
C PHE A 7 1.21 0.97 -1.83
N PRO A 8 1.66 2.18 -2.20
CA PRO A 8 2.54 2.98 -1.35
C PRO A 8 1.84 3.51 -0.11
N PRO A 9 2.62 4.04 0.84
CA PRO A 9 2.10 4.59 2.10
C PRO A 9 1.34 5.88 1.88
N GLN A 10 0.32 6.12 2.71
CA GLN A 10 -0.50 7.32 2.60
C GLN A 10 -1.59 7.34 3.68
N GLN A 11 -1.26 7.89 4.84
CA GLN A 11 -2.20 7.96 5.95
C GLN A 11 -1.81 9.07 6.91
N PRO A 12 -2.02 10.33 6.49
CA PRO A 12 -1.70 11.50 7.31
C PRO A 12 -2.63 11.64 8.51
N TYR A 13 -2.17 11.18 9.66
CA TYR A 13 -2.97 11.26 10.89
C TYR A 13 -2.17 11.88 12.03
N LEU A 1 1.92 -8.09 -7.92
CA LEU A 1 0.54 -8.40 -7.61
C LEU A 1 0.44 -9.66 -6.75
N GLY A 2 -0.67 -9.80 -6.03
CA GLY A 2 -0.86 -10.96 -5.19
C GLY A 2 -0.10 -10.87 -3.87
N GLN A 3 -0.19 -9.71 -3.22
CA GLN A 3 0.50 -9.50 -1.96
C GLN A 3 2.01 -9.61 -2.14
N GLN A 4 2.59 -8.62 -2.83
CA GLN A 4 4.02 -8.61 -3.07
C GLN A 4 4.45 -7.31 -3.76
N GLN A 5 4.66 -6.27 -2.95
CA GLN A 5 5.07 -4.97 -3.49
C GLN A 5 5.23 -3.95 -2.37
N ALA A 6 4.32 -4.00 -1.40
CA ALA A 6 4.35 -3.08 -0.26
C ALA A 6 4.15 -1.65 -0.72
N PHE A 7 2.91 -1.30 -1.07
CA PHE A 7 2.58 0.04 -1.53
C PHE A 7 3.08 1.09 -0.55
N PRO A 8 3.28 2.32 -1.04
CA PRO A 8 3.76 3.43 -0.22
C PRO A 8 2.72 3.90 0.79
N PRO A 9 3.15 4.74 1.74
CA PRO A 9 2.27 5.27 2.79
C PRO A 9 1.26 6.27 2.24
N GLN A 10 0.01 6.14 2.68
CA GLN A 10 -1.04 7.04 2.22
C GLN A 10 -2.37 6.70 2.89
N GLN A 11 -2.63 7.30 4.05
CA GLN A 11 -3.86 7.06 4.78
C GLN A 11 -4.15 8.19 5.75
N PRO A 12 -4.47 9.39 5.21
CA PRO A 12 -4.77 10.57 6.02
C PRO A 12 -6.10 10.44 6.76
N TYR A 13 -6.09 10.83 8.03
CA TYR A 13 -7.29 10.76 8.86
C TYR A 13 -8.10 12.06 8.76
N LEU A 1 5.44 -15.12 -9.61
CA LEU A 1 4.13 -14.64 -9.18
C LEU A 1 4.15 -14.24 -7.71
N GLY A 2 4.49 -12.97 -7.45
CA GLY A 2 4.54 -12.49 -6.09
C GLY A 2 3.18 -12.07 -5.57
N GLN A 3 2.49 -11.24 -6.34
CA GLN A 3 1.16 -10.76 -5.95
C GLN A 3 1.24 -9.97 -4.65
N GLN A 4 1.84 -8.79 -4.70
CA GLN A 4 1.97 -7.93 -3.53
C GLN A 4 2.56 -6.58 -3.91
N GLN A 5 1.84 -5.82 -4.72
CA GLN A 5 2.30 -4.51 -5.15
C GLN A 5 2.71 -3.65 -3.96
N ALA A 6 2.00 -3.80 -2.85
CA ALA A 6 2.30 -3.06 -1.64
C ALA A 6 2.14 -1.55 -1.87
N PHE A 7 0.90 -1.10 -1.97
CA PHE A 7 0.62 0.32 -2.20
C PHE A 7 1.36 1.18 -1.18
N PRO A 8 1.57 2.46 -1.53
CA PRO A 8 2.26 3.41 -0.67
C PRO A 8 1.43 3.81 0.55
N PRO A 9 2.08 4.47 1.51
CA PRO A 9 1.41 4.92 2.75
C PRO A 9 0.41 6.04 2.50
N GLN A 10 -0.50 6.24 3.43
CA GLN A 10 -1.51 7.28 3.32
C GLN A 10 -2.43 7.29 4.53
N GLN A 11 -2.04 8.05 5.55
CA GLN A 11 -2.84 8.15 6.77
C GLN A 11 -2.92 9.59 7.26
N PRO A 12 -3.71 10.42 6.55
CA PRO A 12 -3.88 11.83 6.90
C PRO A 12 -4.67 12.02 8.19
N TYR A 13 -4.63 13.24 8.72
CA TYR A 13 -5.34 13.55 9.97
C TYR A 13 -6.82 13.80 9.69
N LEU A 1 -2.16 -8.35 -7.86
CA LEU A 1 -1.89 -8.00 -6.48
C LEU A 1 -1.94 -9.22 -5.57
N GLY A 2 -0.79 -9.61 -5.05
CA GLY A 2 -0.72 -10.77 -4.17
C GLY A 2 0.43 -10.69 -3.19
N GLN A 3 0.55 -9.54 -2.53
CA GLN A 3 1.61 -9.33 -1.55
C GLN A 3 2.98 -9.44 -2.20
N GLN A 4 3.31 -8.46 -3.04
CA GLN A 4 4.59 -8.45 -3.73
C GLN A 4 4.78 -7.14 -4.50
N GLN A 5 5.01 -6.06 -3.77
CA GLN A 5 5.21 -4.75 -4.39
C GLN A 5 5.44 -3.68 -3.34
N ALA A 6 4.76 -3.81 -2.21
CA ALA A 6 4.89 -2.84 -1.12
C ALA A 6 4.40 -1.46 -1.54
N PHE A 7 3.09 -1.31 -1.64
CA PHE A 7 2.49 -0.04 -2.03
C PHE A 7 3.03 1.11 -1.18
N PRO A 8 2.96 2.33 -1.72
CA PRO A 8 3.44 3.53 -1.02
C PRO A 8 2.56 3.89 0.17
N PRO A 9 3.05 4.82 1.02
CA PRO A 9 2.32 5.26 2.20
C PRO A 9 1.10 6.11 1.85
N GLN A 10 -0.06 5.65 2.29
CA GLN A 10 -1.31 6.37 2.01
C GLN A 10 -2.50 5.64 2.63
N GLN A 11 -2.81 5.98 3.89
CA GLN A 11 -3.92 5.37 4.59
C GLN A 11 -5.02 6.38 4.86
N PRO A 12 -6.25 5.88 5.08
CA PRO A 12 -7.42 6.73 5.35
C PRO A 12 -7.34 7.39 6.73
N TYR A 13 -7.77 8.64 6.79
CA TYR A 13 -7.76 9.38 8.05
C TYR A 13 -9.02 9.11 8.87
N LEU A 1 4.46 -9.14 -5.95
CA LEU A 1 4.42 -10.52 -6.46
C LEU A 1 3.44 -11.37 -5.64
N GLY A 2 2.54 -12.04 -6.34
CA GLY A 2 1.56 -12.88 -5.67
C GLY A 2 0.31 -12.12 -5.28
N GLN A 3 -0.13 -11.22 -6.16
CA GLN A 3 -1.32 -10.42 -5.90
C GLN A 3 -1.13 -9.55 -4.66
N GLN A 4 -0.27 -8.55 -4.77
CA GLN A 4 -0.01 -7.65 -3.66
C GLN A 4 0.91 -6.50 -4.09
N GLN A 5 0.39 -5.63 -4.95
CA GLN A 5 1.17 -4.50 -5.44
C GLN A 5 1.78 -3.71 -4.29
N ALA A 6 1.10 -3.72 -3.14
CA ALA A 6 1.58 -3.02 -1.96
C ALA A 6 1.64 -1.52 -2.20
N PHE A 7 0.47 -0.88 -2.23
CA PHE A 7 0.39 0.56 -2.45
C PHE A 7 1.31 1.31 -1.49
N PRO A 8 1.69 2.54 -1.89
CA PRO A 8 2.59 3.39 -1.09
C PRO A 8 1.91 3.90 0.18
N PRO A 9 2.71 4.46 1.09
CA PRO A 9 2.21 5.00 2.36
C PRO A 9 1.37 6.27 2.16
N GLN A 10 0.07 6.16 2.38
CA GLN A 10 -0.83 7.29 2.23
C GLN A 10 -1.94 7.26 3.28
N GLN A 11 -1.58 7.55 4.53
CA GLN A 11 -2.55 7.53 5.62
C GLN A 11 -2.29 8.71 6.57
N PRO A 12 -2.63 9.92 6.13
CA PRO A 12 -2.46 11.13 6.92
C PRO A 12 -3.41 11.19 8.11
N TYR A 13 -2.83 11.28 9.31
CA TYR A 13 -3.63 11.34 10.53
C TYR A 13 -4.49 12.59 10.56
N LEU A 1 2.15 -5.34 -8.77
CA LEU A 1 1.81 -4.67 -7.52
C LEU A 1 0.42 -5.08 -7.05
N GLY A 2 0.35 -5.66 -5.86
CA GLY A 2 -0.93 -6.09 -5.32
C GLY A 2 -0.82 -7.42 -4.58
N GLN A 3 -0.83 -7.36 -3.25
CA GLN A 3 -0.74 -8.55 -2.43
C GLN A 3 0.58 -9.28 -2.67
N GLN A 4 1.67 -8.68 -2.22
CA GLN A 4 2.99 -9.27 -2.40
C GLN A 4 4.06 -8.45 -1.68
N GLN A 5 3.97 -8.42 -0.35
CA GLN A 5 4.93 -7.66 0.46
C GLN A 5 5.05 -6.24 -0.03
N ALA A 6 3.93 -5.53 -0.12
CA ALA A 6 3.91 -4.15 -0.58
C ALA A 6 2.49 -3.59 -0.61
N PHE A 7 1.98 -3.23 0.56
CA PHE A 7 0.63 -2.69 0.67
C PHE A 7 0.43 -1.53 -0.30
N PRO A 8 -0.84 -1.26 -0.65
CA PRO A 8 -1.19 -0.18 -1.58
C PRO A 8 -0.96 1.20 -0.97
N PRO A 9 -1.01 2.23 -1.82
CA PRO A 9 -0.82 3.63 -1.39
C PRO A 9 -1.97 4.14 -0.53
N GLN A 10 -1.64 4.78 0.58
CA GLN A 10 -2.65 5.32 1.48
C GLN A 10 -2.01 6.02 2.68
N GLN A 11 -1.75 7.32 2.52
CA GLN A 11 -1.14 8.10 3.59
C GLN A 11 -2.12 8.32 4.74
N PRO A 12 -1.57 8.66 5.91
CA PRO A 12 -2.39 8.92 7.11
C PRO A 12 -3.20 10.19 7.00
N TYR A 13 -4.40 10.19 7.58
CA TYR A 13 -5.28 11.35 7.54
C TYR A 13 -5.57 11.85 8.95
N LEU A 1 2.67 -11.47 -0.01
CA LEU A 1 2.41 -11.16 -1.41
C LEU A 1 1.02 -11.61 -1.82
N GLY A 2 0.49 -11.02 -2.89
CA GLY A 2 -0.83 -11.38 -3.37
C GLY A 2 -1.52 -10.24 -4.10
N GLN A 3 -1.07 -9.97 -5.32
CA GLN A 3 -1.65 -8.90 -6.12
C GLN A 3 -1.45 -7.54 -5.44
N GLN A 4 -0.20 -7.09 -5.40
CA GLN A 4 0.13 -5.81 -4.79
C GLN A 4 1.59 -5.46 -5.00
N GLN A 5 1.94 -5.10 -6.23
CA GLN A 5 3.31 -4.73 -6.58
C GLN A 5 3.86 -3.70 -5.61
N ALA A 6 3.08 -2.64 -5.37
CA ALA A 6 3.49 -1.59 -4.45
C ALA A 6 2.45 -0.48 -4.39
N PHE A 7 1.39 -0.73 -3.60
CA PHE A 7 0.32 0.25 -3.46
C PHE A 7 0.88 1.62 -3.08
N PRO A 8 0.10 2.67 -3.38
CA PRO A 8 0.49 4.06 -3.08
C PRO A 8 0.50 4.35 -1.58
N PRO A 9 1.08 5.49 -1.21
CA PRO A 9 1.16 5.92 0.19
C PRO A 9 -0.19 6.32 0.76
N GLN A 10 -0.48 5.87 1.98
CA GLN A 10 -1.74 6.18 2.63
C GLN A 10 -1.80 5.56 4.03
N GLN A 11 -1.34 6.31 5.02
CA GLN A 11 -1.34 5.83 6.40
C GLN A 11 -2.50 6.43 7.18
N PRO A 12 -2.85 5.78 8.30
CA PRO A 12 -3.95 6.23 9.17
C PRO A 12 -3.62 7.53 9.90
N TYR A 13 -4.65 8.26 10.29
CA TYR A 13 -4.48 9.52 10.99
C TYR A 13 -4.71 9.34 12.50
N LEU A 1 0.31 -13.13 -8.21
CA LEU A 1 0.92 -11.83 -7.95
C LEU A 1 0.00 -10.69 -8.37
N GLY A 2 0.26 -9.51 -7.84
CA GLY A 2 -0.56 -8.35 -8.17
C GLY A 2 -1.02 -7.60 -6.93
N GLN A 3 -0.32 -6.52 -6.61
CA GLN A 3 -0.66 -5.71 -5.44
C GLN A 3 -0.55 -6.53 -4.16
N GLN A 4 0.68 -6.87 -3.78
CA GLN A 4 0.91 -7.65 -2.57
C GLN A 4 2.42 -7.78 -2.30
N GLN A 5 2.97 -6.77 -1.62
CA GLN A 5 4.39 -6.77 -1.30
C GLN A 5 4.77 -5.50 -0.54
N ALA A 6 4.18 -4.39 -0.93
CA ALA A 6 4.46 -3.11 -0.29
C ALA A 6 3.67 -1.98 -0.94
N PHE A 7 2.38 -1.90 -0.61
CA PHE A 7 1.52 -0.86 -1.17
C PHE A 7 2.13 0.52 -0.99
N PRO A 8 1.72 1.47 -1.85
CA PRO A 8 2.22 2.84 -1.81
C PRO A 8 1.73 3.60 -0.58
N PRO A 9 2.34 4.77 -0.32
CA PRO A 9 1.98 5.61 0.83
C PRO A 9 0.60 6.24 0.67
N GLN A 10 -0.27 6.01 1.65
CA GLN A 10 -1.62 6.55 1.61
C GLN A 10 -2.40 6.14 2.86
N GLN A 11 -2.31 6.97 3.91
CA GLN A 11 -3.01 6.69 5.15
C GLN A 11 -3.14 7.95 6.00
N PRO A 12 -3.99 8.89 5.54
CA PRO A 12 -4.23 10.15 6.24
C PRO A 12 -4.99 9.96 7.54
N TYR A 13 -4.83 10.91 8.46
CA TYR A 13 -5.50 10.84 9.75
C TYR A 13 -6.91 11.43 9.65
N LEU A 1 4.33 -11.04 -4.21
CA LEU A 1 3.75 -12.35 -4.03
C LEU A 1 2.28 -12.25 -3.59
N GLY A 2 1.37 -12.54 -4.51
CA GLY A 2 -0.04 -12.46 -4.21
C GLY A 2 -0.58 -11.05 -4.26
N GLN A 3 -0.60 -10.48 -5.46
CA GLN A 3 -1.09 -9.12 -5.65
C GLN A 3 -0.24 -8.11 -4.86
N GLN A 4 0.99 -7.92 -5.32
CA GLN A 4 1.90 -6.99 -4.66
C GLN A 4 1.74 -5.58 -5.23
N GLN A 5 0.51 -5.11 -5.30
CA GLN A 5 0.22 -3.79 -5.82
C GLN A 5 1.09 -2.74 -5.15
N ALA A 6 1.21 -2.84 -3.83
CA ALA A 6 2.03 -1.90 -3.06
C ALA A 6 1.45 -0.49 -3.15
N PHE A 7 0.35 -0.26 -2.44
CA PHE A 7 -0.30 1.06 -2.44
C PHE A 7 0.71 2.15 -2.11
N PRO A 8 0.37 3.39 -2.49
CA PRO A 8 1.22 4.56 -2.24
C PRO A 8 1.30 4.92 -0.76
N PRO A 9 2.25 5.80 -0.41
CA PRO A 9 2.45 6.25 0.97
C PRO A 9 1.31 7.13 1.46
N GLN A 10 0.59 6.67 2.48
CA GLN A 10 -0.52 7.42 3.04
C GLN A 10 -1.17 6.66 4.19
N GLN A 11 -0.67 6.90 5.41
CA GLN A 11 -1.19 6.24 6.59
C GLN A 11 -2.59 6.76 6.93
N PRO A 12 -3.33 5.98 7.73
CA PRO A 12 -4.68 6.34 8.15
C PRO A 12 -4.70 7.52 9.12
N TYR A 13 -5.17 8.66 8.64
CA TYR A 13 -5.24 9.86 9.46
C TYR A 13 -6.66 10.12 9.94
N LEU A 1 -4.59 -7.27 -0.71
CA LEU A 1 -3.49 -8.17 -1.08
C LEU A 1 -3.61 -8.58 -2.56
N GLY A 2 -2.57 -8.27 -3.32
CA GLY A 2 -2.56 -8.61 -4.73
C GLY A 2 -1.23 -8.35 -5.40
N GLN A 3 -0.25 -9.20 -5.12
CA GLN A 3 1.09 -9.05 -5.69
C GLN A 3 1.72 -7.74 -5.24
N GLN A 4 2.07 -7.65 -3.96
CA GLN A 4 2.68 -6.45 -3.41
C GLN A 4 1.81 -5.23 -3.66
N GLN A 5 0.77 -5.08 -2.85
CA GLN A 5 -0.16 -3.95 -2.98
C GLN A 5 0.61 -2.63 -3.03
N ALA A 6 1.66 -2.53 -2.23
CA ALA A 6 2.48 -1.33 -2.19
C ALA A 6 1.67 -0.14 -1.67
N PHE A 7 1.40 -0.12 -0.37
CA PHE A 7 0.64 0.95 0.24
C PHE A 7 1.23 2.32 -0.13
N PRO A 8 0.38 3.35 -0.05
CA PRO A 8 0.79 4.73 -0.38
C PRO A 8 1.76 5.31 0.65
N PRO A 9 2.39 6.44 0.31
CA PRO A 9 3.34 7.12 1.18
C PRO A 9 2.67 7.74 2.41
N GLN A 10 2.94 7.17 3.57
CA GLN A 10 2.35 7.66 4.82
C GLN A 10 0.93 8.13 4.60
N GLN A 11 0.03 7.19 4.28
CA GLN A 11 -1.37 7.52 4.05
C GLN A 11 -2.27 6.37 4.48
N PRO A 12 -3.55 6.68 4.69
CA PRO A 12 -4.55 5.68 5.11
C PRO A 12 -4.87 4.68 4.01
N TYR A 13 -5.27 3.47 4.40
CA TYR A 13 -5.61 2.43 3.44
C TYR A 13 -6.72 1.54 3.98
N LEU A 1 -1.28 -12.07 -7.84
CA LEU A 1 -0.48 -13.11 -7.18
C LEU A 1 0.88 -13.24 -7.84
N GLY A 2 1.94 -12.88 -7.10
CA GLY A 2 3.28 -12.97 -7.64
C GLY A 2 4.14 -11.79 -7.25
N GLN A 3 4.21 -11.51 -5.95
CA GLN A 3 5.00 -10.40 -5.45
C GLN A 3 4.49 -9.07 -5.99
N GLN A 4 3.31 -8.66 -5.54
CA GLN A 4 2.70 -7.41 -5.99
C GLN A 4 1.43 -7.12 -5.21
N GLN A 5 1.58 -6.50 -4.04
CA GLN A 5 0.44 -6.16 -3.20
C GLN A 5 0.90 -5.48 -1.91
N ALA A 6 0.93 -4.15 -1.93
CA ALA A 6 1.35 -3.38 -0.76
C ALA A 6 1.33 -1.89 -1.06
N PHE A 7 0.14 -1.30 -1.03
CA PHE A 7 -0.02 0.13 -1.29
C PHE A 7 0.93 0.95 -0.43
N PRO A 8 1.24 2.17 -0.89
CA PRO A 8 2.14 3.08 -0.17
C PRO A 8 1.51 3.61 1.12
N PRO A 9 2.35 4.24 1.96
CA PRO A 9 1.91 4.80 3.24
C PRO A 9 1.01 6.03 3.06
N GLN A 10 0.07 6.22 3.97
CA GLN A 10 -0.84 7.34 3.90
C GLN A 10 -1.82 7.33 5.07
N GLN A 11 -1.43 7.96 6.17
CA GLN A 11 -2.26 8.01 7.37
C GLN A 11 -3.67 8.51 7.03
N PRO A 12 -4.63 8.16 7.88
CA PRO A 12 -6.04 8.56 7.69
C PRO A 12 -6.24 10.05 7.90
N TYR A 13 -6.32 10.79 6.81
CA TYR A 13 -6.53 12.23 6.87
C TYR A 13 -7.96 12.60 6.52
N LEU A 1 1.51 -5.69 -9.68
CA LEU A 1 0.66 -5.95 -8.52
C LEU A 1 1.10 -7.24 -7.81
N GLY A 2 1.85 -7.08 -6.73
CA GLY A 2 2.32 -8.24 -5.97
C GLY A 2 1.43 -8.54 -4.78
N GLN A 3 0.97 -7.49 -4.10
CA GLN A 3 0.11 -7.65 -2.94
C GLN A 3 0.85 -8.40 -1.83
N GLN A 4 1.83 -7.76 -1.24
CA GLN A 4 2.61 -8.36 -0.16
C GLN A 4 3.59 -7.35 0.44
N GLN A 5 3.05 -6.38 1.18
CA GLN A 5 3.87 -5.36 1.80
C GLN A 5 4.81 -4.71 0.79
N ALA A 6 4.28 -3.77 0.01
CA ALA A 6 5.07 -3.09 -1.00
C ALA A 6 4.22 -2.09 -1.78
N PHE A 7 4.01 -0.91 -1.20
CA PHE A 7 3.22 0.13 -1.83
C PHE A 7 3.71 1.52 -1.43
N PRO A 8 3.38 2.52 -2.27
CA PRO A 8 3.79 3.91 -2.01
C PRO A 8 3.05 4.52 -0.82
N PRO A 9 3.53 5.69 -0.37
CA PRO A 9 2.94 6.41 0.77
C PRO A 9 1.57 6.98 0.43
N GLN A 10 0.54 6.48 1.11
CA GLN A 10 -0.82 6.96 0.87
C GLN A 10 -1.81 6.23 1.79
N GLN A 11 -2.03 6.78 2.98
CA GLN A 11 -2.95 6.19 3.93
C GLN A 11 -4.16 7.08 4.16
N PRO A 12 -5.05 7.12 3.17
CA PRO A 12 -6.27 7.95 3.23
C PRO A 12 -7.27 7.41 4.26
N TYR A 13 -7.32 8.04 5.42
CA TYR A 13 -8.23 7.62 6.48
C TYR A 13 -9.61 8.27 6.30
N LEU A 1 -1.32 -7.90 -8.67
CA LEU A 1 -1.71 -9.09 -7.91
C LEU A 1 -0.51 -9.75 -7.26
N GLY A 2 -0.25 -9.40 -6.00
CA GLY A 2 0.87 -9.97 -5.28
C GLY A 2 1.06 -9.35 -3.91
N GLN A 3 0.99 -8.03 -3.84
CA GLN A 3 1.14 -7.32 -2.57
C GLN A 3 2.53 -7.57 -1.99
N GLN A 4 3.55 -7.02 -2.63
CA GLN A 4 4.93 -7.18 -2.17
C GLN A 4 5.88 -6.32 -3.00
N GLN A 5 5.95 -5.04 -2.68
CA GLN A 5 6.83 -4.11 -3.40
C GLN A 5 6.69 -2.70 -2.84
N ALA A 6 6.49 -2.61 -1.53
CA ALA A 6 6.35 -1.31 -0.87
C ALA A 6 5.12 -0.56 -1.38
N PHE A 7 3.94 -1.01 -0.95
CA PHE A 7 2.69 -0.38 -1.36
C PHE A 7 2.74 1.12 -1.13
N PRO A 8 1.89 1.86 -1.87
CA PRO A 8 1.81 3.32 -1.76
C PRO A 8 1.20 3.77 -0.43
N PRO A 9 2.01 4.39 0.42
CA PRO A 9 1.57 4.89 1.73
C PRO A 9 0.62 6.08 1.61
N GLN A 10 -0.65 5.84 1.93
CA GLN A 10 -1.66 6.90 1.85
C GLN A 10 -3.02 6.38 2.28
N GLN A 11 -3.31 6.46 3.57
CA GLN A 11 -4.58 6.00 4.10
C GLN A 11 -5.41 7.17 4.63
N PRO A 12 -6.74 6.96 4.71
CA PRO A 12 -7.67 7.99 5.19
C PRO A 12 -7.52 8.25 6.69
N TYR A 13 -7.58 9.52 7.08
CA TYR A 13 -7.44 9.90 8.48
C TYR A 13 -8.78 10.39 9.04
N LEU A 1 4.35 -14.13 -8.27
CA LEU A 1 4.23 -14.78 -6.96
C LEU A 1 4.01 -13.74 -5.86
N GLY A 2 2.79 -13.23 -5.78
CA GLY A 2 2.47 -12.23 -4.76
C GLY A 2 1.13 -11.56 -5.01
N GLN A 3 1.05 -10.79 -6.08
CA GLN A 3 -0.19 -10.09 -6.42
C GLN A 3 -0.58 -9.11 -5.32
N GLN A 4 0.20 -8.04 -5.19
CA GLN A 4 -0.07 -7.03 -4.17
C GLN A 4 0.88 -5.84 -4.32
N GLN A 5 0.58 -4.98 -5.28
CA GLN A 5 1.41 -3.80 -5.53
C GLN A 5 1.67 -3.02 -4.24
N ALA A 6 0.62 -2.89 -3.42
CA ALA A 6 0.73 -2.17 -2.15
C ALA A 6 1.06 -0.71 -2.38
N PHE A 7 0.07 0.06 -2.84
CA PHE A 7 0.26 1.48 -3.10
C PHE A 7 0.87 2.18 -1.88
N PRO A 8 1.52 3.33 -2.13
CA PRO A 8 2.16 4.12 -1.08
C PRO A 8 1.15 4.78 -0.15
N PRO A 9 1.11 4.33 1.11
CA PRO A 9 0.18 4.86 2.11
C PRO A 9 0.54 6.28 2.54
N GLN A 10 -0.46 7.14 2.62
CA GLN A 10 -0.24 8.53 3.01
C GLN A 10 -1.41 9.04 3.85
N GLN A 11 -1.49 8.59 5.08
CA GLN A 11 -2.56 9.00 5.99
C GLN A 11 -2.12 8.85 7.45
N PRO A 12 -1.25 9.76 7.89
CA PRO A 12 -0.73 9.76 9.27
C PRO A 12 -1.80 10.14 10.28
N TYR A 13 -1.98 9.31 11.31
CA TYR A 13 -2.97 9.57 12.34
C TYR A 13 -2.36 9.41 13.73
N LEU A 1 0.22 -12.91 -3.43
CA LEU A 1 -0.01 -11.61 -4.06
C LEU A 1 0.22 -10.47 -3.07
N GLY A 2 0.86 -9.41 -3.54
CA GLY A 2 1.13 -8.27 -2.69
C GLY A 2 -0.07 -7.35 -2.53
N GLN A 3 -0.78 -7.13 -3.63
CA GLN A 3 -1.95 -6.26 -3.61
C GLN A 3 -1.59 -4.84 -3.20
N GLN A 4 -0.88 -4.15 -4.07
CA GLN A 4 -0.45 -2.77 -3.80
C GLN A 4 0.40 -2.71 -2.54
N GLN A 5 1.68 -3.05 -2.69
CA GLN A 5 2.61 -3.03 -1.57
C GLN A 5 2.54 -1.70 -0.82
N ALA A 6 2.35 -0.62 -1.58
CA ALA A 6 2.26 0.72 -0.99
C ALA A 6 3.58 1.11 -0.33
N PHE A 7 4.57 1.43 -1.16
CA PHE A 7 5.88 1.82 -0.65
C PHE A 7 5.81 3.17 0.07
N PRO A 8 5.36 4.21 -0.66
CA PRO A 8 5.22 5.55 -0.11
C PRO A 8 4.09 5.66 0.92
N PRO A 9 4.06 6.78 1.65
CA PRO A 9 3.05 7.03 2.68
C PRO A 9 1.67 7.27 2.08
N GLN A 10 0.73 6.38 2.38
CA GLN A 10 -0.63 6.50 1.87
C GLN A 10 -1.51 5.37 2.39
N GLN A 11 -2.14 5.59 3.53
CA GLN A 11 -3.02 4.58 4.14
C GLN A 11 -4.28 5.23 4.69
N PRO A 12 -5.19 5.61 3.77
CA PRO A 12 -6.46 6.25 4.15
C PRO A 12 -7.42 5.27 4.82
N TYR A 13 -7.80 5.57 6.05
CA TYR A 13 -8.71 4.72 6.81
C TYR A 13 -10.11 5.31 6.83
N LEU A 1 3.13 -7.97 -5.69
CA LEU A 1 1.84 -7.71 -5.06
C LEU A 1 1.63 -8.64 -3.87
N GLY A 2 1.33 -8.06 -2.71
CA GLY A 2 1.09 -8.85 -1.52
C GLY A 2 0.25 -8.12 -0.49
N GLN A 3 -1.07 -8.14 -0.69
CA GLN A 3 -1.99 -7.47 0.23
C GLN A 3 -1.73 -5.97 0.26
N GLN A 4 -2.05 -5.29 -0.83
CA GLN A 4 -1.85 -3.85 -0.93
C GLN A 4 -0.42 -3.48 -0.57
N GLN A 5 0.51 -3.74 -1.48
CA GLN A 5 1.91 -3.43 -1.25
C GLN A 5 2.08 -1.99 -0.80
N ALA A 6 1.39 -1.08 -1.48
CA ALA A 6 1.47 0.34 -1.13
C ALA A 6 2.87 0.88 -1.36
N PHE A 7 3.23 1.08 -2.62
CA PHE A 7 4.56 1.59 -2.97
C PHE A 7 4.71 3.04 -2.52
N PRO A 8 3.83 3.91 -3.03
CA PRO A 8 3.84 5.34 -2.69
C PRO A 8 3.42 5.60 -1.25
N PRO A 9 3.66 6.84 -0.79
CA PRO A 9 3.30 7.24 0.57
C PRO A 9 1.80 7.34 0.79
N GLN A 10 1.24 6.38 1.53
CA GLN A 10 -0.19 6.35 1.80
C GLN A 10 -0.55 5.16 2.67
N GLN A 11 -0.51 5.36 3.99
CA GLN A 11 -0.84 4.30 4.94
C GLN A 11 -2.19 3.67 4.60
N PRO A 12 -2.43 2.45 5.12
CA PRO A 12 -3.67 1.72 4.89
C PRO A 12 -4.85 2.36 5.61
N TYR A 13 -6.06 2.04 5.16
CA TYR A 13 -7.27 2.58 5.76
C TYR A 13 -8.34 1.50 5.89
N LEU A 1 3.30 -9.27 -6.88
CA LEU A 1 2.18 -10.00 -6.28
C LEU A 1 2.43 -10.25 -4.80
N GLY A 2 2.07 -9.28 -3.96
CA GLY A 2 2.26 -9.41 -2.53
C GLY A 2 1.11 -8.82 -1.74
N GLN A 3 -0.10 -8.96 -2.26
CA GLN A 3 -1.29 -8.45 -1.60
C GLN A 3 -1.21 -6.93 -1.45
N GLN A 4 -1.32 -6.23 -2.58
CA GLN A 4 -1.26 -4.78 -2.58
C GLN A 4 0.05 -4.28 -2.01
N GLN A 5 1.11 -4.32 -2.81
CA GLN A 5 2.43 -3.88 -2.38
C GLN A 5 2.36 -2.49 -1.75
N ALA A 6 1.55 -1.62 -2.35
CA ALA A 6 1.40 -0.26 -1.86
C ALA A 6 2.71 0.51 -1.93
N PHE A 7 3.09 0.90 -3.16
CA PHE A 7 4.32 1.64 -3.38
C PHE A 7 4.24 3.04 -2.76
N PRO A 8 3.25 3.82 -3.22
CA PRO A 8 3.03 5.18 -2.72
C PRO A 8 2.53 5.21 -1.29
N PRO A 9 2.54 6.40 -0.67
CA PRO A 9 2.08 6.58 0.71
C PRO A 9 0.57 6.43 0.85
N GLN A 10 0.14 5.82 1.95
CA GLN A 10 -1.28 5.61 2.20
C GLN A 10 -1.50 4.90 3.53
N GLN A 11 -1.63 5.69 4.59
CA GLN A 11 -1.84 5.14 5.93
C GLN A 11 -3.33 4.97 6.22
N PRO A 12 -3.65 4.13 7.21
CA PRO A 12 -5.03 3.85 7.60
C PRO A 12 -5.69 5.06 8.28
N TYR A 13 -6.47 5.80 7.53
CA TYR A 13 -7.15 6.98 8.05
C TYR A 13 -8.36 6.59 8.89
N LEU A 1 2.10 -11.60 -6.07
CA LEU A 1 1.17 -10.97 -5.13
C LEU A 1 1.45 -9.48 -4.99
N GLY A 2 0.45 -8.73 -4.54
CA GLY A 2 0.62 -7.30 -4.36
C GLY A 2 -0.51 -6.68 -3.57
N GLN A 3 -1.64 -6.42 -4.24
CA GLN A 3 -2.79 -5.82 -3.60
C GLN A 3 -2.46 -4.43 -3.05
N GLN A 4 -2.25 -3.49 -3.95
CA GLN A 4 -1.92 -2.11 -3.55
C GLN A 4 -0.70 -2.09 -2.64
N GLN A 5 0.49 -2.25 -3.23
CA GLN A 5 1.73 -2.25 -2.47
C GLN A 5 1.81 -1.04 -1.56
N ALA A 6 1.37 0.12 -2.07
CA ALA A 6 1.39 1.35 -1.28
C ALA A 6 2.82 1.74 -0.91
N PHE A 7 3.58 2.22 -1.89
CA PHE A 7 4.95 2.62 -1.65
C PHE A 7 5.02 3.85 -0.75
N PRO A 8 4.38 4.95 -1.21
CA PRO A 8 4.35 6.21 -0.46
C PRO A 8 3.50 6.11 0.80
N PRO A 9 3.62 7.12 1.67
CA PRO A 9 2.86 7.18 2.93
C PRO A 9 1.37 7.42 2.70
N GLN A 10 0.62 6.33 2.55
CA GLN A 10 -0.81 6.42 2.33
C GLN A 10 -1.44 5.03 2.21
N GLN A 11 -1.85 4.48 3.34
CA GLN A 11 -2.45 3.14 3.36
C GLN A 11 -3.93 3.23 3.73
N PRO A 12 -4.68 2.17 3.40
CA PRO A 12 -6.12 2.10 3.69
C PRO A 12 -6.42 1.97 5.17
N TYR A 13 -7.04 2.99 5.75
CA TYR A 13 -7.37 2.99 7.17
C TYR A 13 -8.71 2.31 7.41
N LEU A 1 1.40 -7.29 2.44
CA LEU A 1 1.55 -7.96 1.14
C LEU A 1 0.28 -8.73 0.80
N GLY A 2 -0.37 -8.34 -0.30
CA GLY A 2 -1.58 -9.01 -0.72
C GLY A 2 -2.64 -8.05 -1.20
N GLN A 3 -2.60 -7.71 -2.49
CA GLN A 3 -3.57 -6.79 -3.07
C GLN A 3 -3.47 -5.41 -2.41
N GLN A 4 -2.37 -4.72 -2.68
CA GLN A 4 -2.16 -3.39 -2.12
C GLN A 4 -0.89 -2.75 -2.70
N GLN A 5 -1.00 -2.26 -3.94
CA GLN A 5 0.13 -1.63 -4.60
C GLN A 5 0.77 -0.57 -3.71
N ALA A 6 -0.05 0.38 -3.26
CA ALA A 6 0.43 1.46 -2.40
C ALA A 6 1.47 2.31 -3.11
N PHE A 7 1.02 3.12 -4.06
CA PHE A 7 1.92 3.99 -4.82
C PHE A 7 2.52 5.06 -3.92
N PRO A 8 1.65 5.88 -3.31
CA PRO A 8 2.07 6.96 -2.41
C PRO A 8 2.66 6.44 -1.11
N PRO A 9 3.29 7.34 -0.35
CA PRO A 9 3.91 7.00 0.94
C PRO A 9 2.87 6.68 2.01
N GLN A 10 3.28 5.94 3.03
CA GLN A 10 2.39 5.57 4.13
C GLN A 10 1.11 4.94 3.58
N GLN A 11 1.20 3.66 3.21
CA GLN A 11 0.04 2.94 2.68
C GLN A 11 -1.16 3.08 3.61
N PRO A 12 -2.37 2.90 3.05
CA PRO A 12 -3.61 3.00 3.81
C PRO A 12 -3.78 1.85 4.79
N TYR A 13 -4.16 2.17 6.02
CA TYR A 13 -4.36 1.15 7.05
C TYR A 13 -5.84 0.89 7.28
N LEU A 1 -1.92 -13.19 1.01
CA LEU A 1 -2.09 -12.26 -0.11
C LEU A 1 -1.91 -10.82 0.35
N GLY A 2 -1.50 -9.96 -0.58
CA GLY A 2 -1.30 -8.56 -0.25
C GLY A 2 -1.44 -7.66 -1.47
N GLN A 3 -0.36 -7.53 -2.23
CA GLN A 3 -0.36 -6.69 -3.42
C GLN A 3 -0.64 -5.23 -3.06
N GLN A 4 0.33 -4.60 -2.40
CA GLN A 4 0.19 -3.20 -2.00
C GLN A 4 1.49 -2.68 -1.39
N GLN A 5 2.52 -2.56 -2.21
CA GLN A 5 3.81 -2.07 -1.76
C GLN A 5 3.66 -0.76 -0.99
N ALA A 6 2.67 0.03 -1.36
CA ALA A 6 2.41 1.31 -0.70
C ALA A 6 3.60 2.25 -0.86
N PHE A 7 3.76 2.78 -2.06
CA PHE A 7 4.85 3.71 -2.34
C PHE A 7 4.67 5.02 -1.59
N PRO A 8 3.54 5.70 -1.85
CA PRO A 8 3.21 6.97 -1.20
C PRO A 8 2.90 6.81 0.28
N PRO A 9 2.86 7.94 1.02
CA PRO A 9 2.56 7.94 2.45
C PRO A 9 1.11 7.57 2.74
N GLN A 10 0.83 7.23 3.99
CA GLN A 10 -0.52 6.86 4.40
C GLN A 10 -1.03 5.68 3.59
N GLN A 11 -0.68 4.48 4.01
CA GLN A 11 -1.10 3.27 3.33
C GLN A 11 -2.61 3.26 3.12
N PRO A 12 -3.08 2.43 2.17
CA PRO A 12 -4.50 2.31 1.85
C PRO A 12 -5.29 1.63 2.97
N TYR A 13 -5.80 2.42 3.90
CA TYR A 13 -6.57 1.89 5.02
C TYR A 13 -8.07 2.03 4.77
N LEU A 1 0.65 -2.90 -8.19
CA LEU A 1 0.45 -4.19 -7.54
C LEU A 1 0.93 -4.15 -6.09
N GLY A 2 0.17 -4.80 -5.21
CA GLY A 2 0.54 -4.83 -3.80
C GLY A 2 0.54 -6.24 -3.24
N GLN A 3 -0.65 -6.80 -3.03
CA GLN A 3 -0.78 -8.14 -2.49
C GLN A 3 -0.18 -8.22 -1.09
N GLN A 4 -0.85 -7.58 -0.14
CA GLN A 4 -0.37 -7.58 1.25
C GLN A 4 1.04 -7.02 1.34
N GLN A 5 1.15 -5.69 1.31
CA GLN A 5 2.45 -5.04 1.40
C GLN A 5 2.30 -3.52 1.32
N ALA A 6 1.52 -3.05 0.34
CA ALA A 6 1.30 -1.63 0.17
C ALA A 6 2.58 -0.89 -0.17
N PHE A 7 3.06 -1.07 -1.40
CA PHE A 7 4.28 -0.43 -1.86
C PHE A 7 4.11 1.08 -1.93
N PRO A 8 3.15 1.52 -2.75
CA PRO A 8 2.85 2.95 -2.93
C PRO A 8 2.23 3.58 -1.70
N PRO A 9 2.17 4.92 -1.68
CA PRO A 9 1.59 5.68 -0.56
C PRO A 9 0.08 5.50 -0.46
N GLN A 10 -0.43 5.53 0.77
CA GLN A 10 -1.86 5.38 0.99
C GLN A 10 -2.18 5.45 2.48
N GLN A 11 -2.44 6.65 2.97
CA GLN A 11 -2.77 6.86 4.38
C GLN A 11 -3.96 7.79 4.53
N PRO A 12 -5.17 7.28 4.22
CA PRO A 12 -6.40 8.05 4.32
C PRO A 12 -6.80 8.35 5.76
N TYR A 13 -7.38 9.52 5.98
CA TYR A 13 -7.79 9.92 7.33
C TYR A 13 -9.31 10.05 7.40
N LEU A 1 -2.69 -5.71 3.76
CA LEU A 1 -1.67 -6.27 2.89
C LEU A 1 -1.36 -5.33 1.72
N GLY A 2 -0.10 -5.31 1.30
CA GLY A 2 0.30 -4.44 0.21
C GLY A 2 -0.05 -5.04 -1.15
N GLN A 3 0.93 -5.68 -1.79
CA GLN A 3 0.73 -6.28 -3.09
C GLN A 3 0.35 -5.23 -4.13
N GLN A 4 1.31 -4.38 -4.48
CA GLN A 4 1.08 -3.32 -5.46
C GLN A 4 -0.11 -2.45 -5.06
N GLN A 5 0.11 -1.59 -4.07
CA GLN A 5 -0.94 -0.70 -3.59
C GLN A 5 -0.43 0.17 -2.45
N ALA A 6 0.05 1.37 -2.79
CA ALA A 6 0.56 2.30 -1.80
C ALA A 6 1.79 1.73 -1.10
N PHE A 7 2.92 1.72 -1.81
CA PHE A 7 4.16 1.21 -1.26
C PHE A 7 4.67 2.10 -0.13
N PRO A 8 4.91 3.38 -0.45
CA PRO A 8 5.40 4.36 0.53
C PRO A 8 4.35 4.72 1.56
N PRO A 9 4.78 5.40 2.63
CA PRO A 9 3.89 5.82 3.73
C PRO A 9 2.91 6.91 3.29
N GLN A 10 1.63 6.57 3.25
CA GLN A 10 0.60 7.53 2.86
C GLN A 10 -0.78 6.88 2.90
N GLN A 11 -1.42 6.96 4.06
CA GLN A 11 -2.76 6.39 4.23
C GLN A 11 -2.73 4.88 4.03
N PRO A 12 -2.07 4.16 4.95
CA PRO A 12 -1.96 2.69 4.88
C PRO A 12 -3.29 2.01 5.14
N TYR A 13 -3.60 1.00 4.33
CA TYR A 13 -4.84 0.26 4.47
C TYR A 13 -4.58 -1.15 5.02
N LEU A 1 -1.75 -1.87 -2.14
CA LEU A 1 -1.66 -3.31 -2.35
C LEU A 1 -0.82 -3.63 -3.59
N GLY A 2 -0.01 -4.67 -3.50
CA GLY A 2 0.84 -5.06 -4.62
C GLY A 2 1.59 -6.35 -4.36
N GLN A 3 0.91 -7.31 -3.74
CA GLN A 3 1.53 -8.59 -3.43
C GLN A 3 2.72 -8.42 -2.49
N GLN A 4 2.42 -8.05 -1.23
CA GLN A 4 3.47 -7.85 -0.23
C GLN A 4 4.49 -6.82 -0.72
N GLN A 5 4.12 -5.55 -0.61
CA GLN A 5 5.00 -4.47 -1.03
C GLN A 5 4.34 -3.10 -0.81
N ALA A 6 3.08 -3.00 -1.23
CA ALA A 6 2.33 -1.75 -1.08
C ALA A 6 2.96 -0.63 -1.90
N PHE A 7 2.79 -0.69 -3.21
CA PHE A 7 3.34 0.31 -4.11
C PHE A 7 2.66 1.66 -3.90
N PRO A 8 1.34 1.69 -4.09
CA PRO A 8 0.54 2.91 -3.91
C PRO A 8 0.43 3.34 -2.46
N PRO A 9 -0.06 4.58 -2.24
CA PRO A 9 -0.21 5.13 -0.89
C PRO A 9 -1.33 4.44 -0.11
N GLN A 10 -1.26 4.54 1.22
CA GLN A 10 -2.26 3.93 2.09
C GLN A 10 -1.95 4.21 3.55
N GLN A 11 -2.48 5.31 4.06
CA GLN A 11 -2.27 5.70 5.45
C GLN A 11 -3.59 5.84 6.19
N PRO A 12 -3.53 5.78 7.53
CA PRO A 12 -4.72 5.90 8.38
C PRO A 12 -5.30 7.31 8.37
N TYR A 13 -6.49 7.46 8.92
CA TYR A 13 -7.16 8.76 8.97
C TYR A 13 -7.06 9.37 10.38
N LEU A 1 0.11 -12.48 -1.61
CA LEU A 1 -0.04 -11.44 -2.63
C LEU A 1 0.20 -10.05 -2.02
N GLY A 2 0.99 -9.24 -2.73
CA GLY A 2 1.29 -7.90 -2.25
C GLY A 2 0.04 -7.07 -2.07
N GLN A 3 -0.71 -6.88 -3.15
CA GLN A 3 -1.94 -6.09 -3.10
C GLN A 3 -1.63 -4.64 -2.71
N GLN A 4 -0.99 -3.92 -3.61
CA GLN A 4 -0.64 -2.52 -3.36
C GLN A 4 0.26 -2.40 -2.14
N GLN A 5 1.55 -2.65 -2.32
CA GLN A 5 2.51 -2.56 -1.24
C GLN A 5 2.38 -1.24 -0.49
N ALA A 6 2.04 -0.19 -1.23
CA ALA A 6 1.88 1.14 -0.65
C ALA A 6 3.20 1.66 -0.08
N PHE A 7 4.10 2.05 -0.98
CA PHE A 7 5.40 2.56 -0.56
C PHE A 7 5.26 3.90 0.16
N PRO A 8 4.68 4.89 -0.52
CA PRO A 8 4.48 6.23 0.03
C PRO A 8 3.42 6.23 1.13
N PRO A 9 3.34 7.35 1.87
CA PRO A 9 2.39 7.52 2.96
C PRO A 9 0.95 7.63 2.46
N GLN A 10 0.29 6.50 2.30
CA GLN A 10 -1.10 6.48 1.83
C GLN A 10 -1.62 5.05 1.75
N GLN A 11 -2.19 4.56 2.84
CA GLN A 11 -2.74 3.21 2.89
C GLN A 11 -4.25 3.23 3.04
N PRO A 12 -4.89 2.12 2.69
CA PRO A 12 -6.35 1.97 2.77
C PRO A 12 -6.85 1.95 4.21
N TYR A 13 -7.44 3.05 4.65
CA TYR A 13 -7.96 3.15 6.01
C TYR A 13 -9.48 2.98 6.02
N LEU A 1 -5.53 -10.69 -2.40
CA LEU A 1 -4.81 -9.97 -3.45
C LEU A 1 -4.30 -8.63 -2.94
N GLY A 2 -3.19 -8.67 -2.22
CA GLY A 2 -2.62 -7.45 -1.68
C GLY A 2 -1.64 -6.78 -2.64
N GLN A 3 -0.35 -7.00 -2.42
CA GLN A 3 0.67 -6.42 -3.27
C GLN A 3 0.62 -4.89 -3.24
N GLN A 4 1.01 -4.32 -2.09
CA GLN A 4 0.99 -2.88 -1.93
C GLN A 4 1.60 -2.48 -0.59
N GLN A 5 2.92 -2.67 -0.46
CA GLN A 5 3.62 -2.33 0.77
C GLN A 5 3.30 -0.91 1.22
N ALA A 6 3.18 -0.01 0.24
CA ALA A 6 2.87 1.38 0.53
C ALA A 6 3.99 2.04 1.34
N PHE A 7 5.10 2.32 0.69
CA PHE A 7 6.24 2.95 1.34
C PHE A 7 5.91 4.37 1.76
N PRO A 8 5.55 5.21 0.78
CA PRO A 8 5.21 6.62 1.03
C PRO A 8 3.88 6.77 1.77
N PRO A 9 3.61 7.98 2.26
CA PRO A 9 2.37 8.28 2.99
C PRO A 9 1.15 8.26 2.10
N GLN A 10 0.53 7.09 1.98
CA GLN A 10 -0.66 6.94 1.15
C GLN A 10 -1.17 5.50 1.19
N GLN A 11 -2.06 5.22 2.15
CA GLN A 11 -2.63 3.88 2.29
C GLN A 11 -4.11 3.95 2.65
N PRO A 12 -4.93 4.36 1.67
CA PRO A 12 -6.38 4.47 1.86
C PRO A 12 -7.05 3.11 2.01
N TYR A 13 -7.86 2.98 3.06
CA TYR A 13 -8.56 1.73 3.33
C TYR A 13 -9.64 1.48 2.27
N LEU A 1 -6.68 -9.65 -5.23
CA LEU A 1 -5.30 -9.69 -4.77
C LEU A 1 -4.83 -8.32 -4.29
N GLY A 2 -3.94 -8.31 -3.30
CA GLY A 2 -3.44 -7.06 -2.76
C GLY A 2 -2.23 -6.55 -3.53
N GLN A 3 -1.04 -6.93 -3.08
CA GLN A 3 0.19 -6.50 -3.74
C GLN A 3 0.34 -4.98 -3.68
N GLN A 4 0.58 -4.46 -2.48
CA GLN A 4 0.74 -3.02 -2.30
C GLN A 4 1.15 -2.70 -0.87
N GLN A 5 2.37 -3.09 -0.51
CA GLN A 5 2.89 -2.84 0.83
C GLN A 5 2.71 -1.38 1.23
N ALA A 6 2.76 -0.49 0.24
CA ALA A 6 2.60 0.93 0.48
C ALA A 6 3.71 1.48 1.37
N PHE A 7 4.91 1.61 0.79
CA PHE A 7 6.06 2.11 1.53
C PHE A 7 5.87 3.58 1.91
N PRO A 8 5.69 4.43 0.89
CA PRO A 8 5.49 5.86 1.09
C PRO A 8 4.14 6.19 1.73
N PRO A 9 3.98 7.44 2.17
CA PRO A 9 2.74 7.90 2.82
C PRO A 9 1.59 8.00 1.84
N GLN A 10 0.69 7.01 1.87
CA GLN A 10 -0.47 7.00 0.98
C GLN A 10 -1.33 5.77 1.24
N GLN A 11 -2.29 5.90 2.15
CA GLN A 11 -3.18 4.80 2.50
C GLN A 11 -4.34 5.30 3.37
N PRO A 12 -5.27 6.04 2.75
CA PRO A 12 -6.44 6.59 3.45
C PRO A 12 -7.43 5.50 3.85
N TYR A 13 -7.26 4.97 5.05
CA TYR A 13 -8.15 3.93 5.55
C TYR A 13 -8.71 4.28 6.92
N LEU A 1 -2.70 -4.89 -0.74
CA LEU A 1 -3.65 -5.87 -1.28
C LEU A 1 -3.53 -5.95 -2.79
N GLY A 2 -3.32 -7.16 -3.29
CA GLY A 2 -3.19 -7.36 -4.72
C GLY A 2 -1.83 -6.96 -5.25
N GLN A 3 -0.77 -7.48 -4.62
CA GLN A 3 0.59 -7.17 -5.02
C GLN A 3 0.88 -5.68 -4.88
N GLN A 4 0.95 -5.20 -3.64
CA GLN A 4 1.22 -3.80 -3.38
C GLN A 4 1.39 -3.56 -1.88
N GLN A 5 2.55 -3.95 -1.36
CA GLN A 5 2.84 -3.77 0.06
C GLN A 5 2.58 -2.33 0.49
N ALA A 6 2.92 -1.39 -0.38
CA ALA A 6 2.72 0.03 -0.08
C ALA A 6 3.54 0.46 1.12
N PHE A 7 4.85 0.57 0.93
CA PHE A 7 5.75 0.97 2.01
C PHE A 7 5.50 2.42 2.41
N PRO A 8 5.64 3.34 1.45
CA PRO A 8 5.44 4.78 1.68
C PRO A 8 3.98 5.12 1.92
N PRO A 9 3.72 6.35 2.38
CA PRO A 9 2.36 6.83 2.65
C PRO A 9 1.55 7.05 1.38
N GLN A 10 0.36 6.48 1.35
CA GLN A 10 -0.52 6.60 0.19
C GLN A 10 -1.83 5.87 0.41
N GLN A 11 -2.82 6.58 0.97
CA GLN A 11 -4.12 6.00 1.23
C GLN A 11 -4.00 4.76 2.14
N PRO A 12 -3.62 5.00 3.40
CA PRO A 12 -3.46 3.93 4.38
C PRO A 12 -4.79 3.30 4.79
N TYR A 13 -5.02 2.07 4.35
CA TYR A 13 -6.25 1.35 4.66
C TYR A 13 -5.97 -0.11 4.95
N LEU A 1 -1.56 -10.33 -2.09
CA LEU A 1 -2.72 -9.86 -1.32
C LEU A 1 -2.97 -8.38 -1.57
N GLY A 2 -3.67 -8.08 -2.66
CA GLY A 2 -3.96 -6.70 -3.00
C GLY A 2 -3.06 -6.15 -4.08
N GLN A 3 -1.80 -6.59 -4.06
CA GLN A 3 -0.83 -6.13 -5.05
C GLN A 3 -0.61 -4.63 -4.95
N GLN A 4 0.04 -4.20 -3.86
CA GLN A 4 0.31 -2.79 -3.64
C GLN A 4 1.17 -2.59 -2.40
N GLN A 5 2.48 -2.67 -2.58
CA GLN A 5 3.42 -2.50 -1.48
C GLN A 5 3.11 -1.22 -0.70
N ALA A 6 2.67 -0.19 -1.42
CA ALA A 6 2.34 1.08 -0.81
C ALA A 6 3.58 1.73 -0.19
N PHE A 7 4.44 2.26 -1.06
CA PHE A 7 5.67 2.91 -0.61
C PHE A 7 5.36 4.20 0.15
N PRO A 8 4.67 5.13 -0.52
CA PRO A 8 4.30 6.42 0.07
C PRO A 8 3.22 6.27 1.14
N PRO A 9 3.00 7.35 1.90
CA PRO A 9 2.00 7.37 2.98
C PRO A 9 0.58 7.33 2.45
N GLN A 10 0.07 6.13 2.24
CA GLN A 10 -1.29 5.96 1.73
C GLN A 10 -1.64 4.48 1.59
N GLN A 11 -2.18 3.90 2.66
CA GLN A 11 -2.54 2.49 2.65
C GLN A 11 -4.06 2.33 2.75
N PRO A 12 -4.56 1.15 2.36
CA PRO A 12 -5.99 0.85 2.38
C PRO A 12 -6.53 0.71 3.81
N TYR A 13 -6.78 1.84 4.46
CA TYR A 13 -7.29 1.85 5.82
C TYR A 13 -8.65 1.17 5.90
N LEU A 1 -2.06 -12.19 2.01
CA LEU A 1 -2.19 -11.58 0.70
C LEU A 1 -2.06 -10.06 0.78
N GLY A 2 -1.66 -9.45 -0.32
CA GLY A 2 -1.50 -8.00 -0.35
C GLY A 2 -1.26 -7.47 -1.74
N GLN A 3 -0.02 -7.59 -2.21
CA GLN A 3 0.33 -7.11 -3.54
C GLN A 3 0.12 -5.60 -3.66
N GLN A 4 0.97 -4.84 -2.97
CA GLN A 4 0.87 -3.38 -2.99
C GLN A 4 2.04 -2.75 -2.24
N GLN A 5 3.15 -2.56 -2.94
CA GLN A 5 4.34 -1.96 -2.32
C GLN A 5 3.99 -0.66 -1.60
N ALA A 6 3.10 0.11 -2.20
CA ALA A 6 2.68 1.38 -1.60
C ALA A 6 3.84 2.35 -1.51
N PHE A 7 4.23 2.91 -2.66
CA PHE A 7 5.34 3.86 -2.70
C PHE A 7 4.97 5.16 -1.99
N PRO A 8 3.89 5.82 -2.46
CA PRO A 8 3.42 7.07 -1.88
C PRO A 8 2.81 6.88 -0.49
N PRO A 9 2.59 7.99 0.22
CA PRO A 9 2.00 7.96 1.56
C PRO A 9 0.54 7.55 1.56
N GLN A 10 0.21 6.54 2.35
CA GLN A 10 -1.16 6.05 2.44
C GLN A 10 -1.27 4.90 3.43
N GLN A 11 -1.52 5.24 4.70
CA GLN A 11 -1.65 4.23 5.74
C GLN A 11 -2.77 3.25 5.44
N PRO A 12 -2.74 2.08 6.08
CA PRO A 12 -3.75 1.04 5.89
C PRO A 12 -5.10 1.43 6.48
N TYR A 13 -6.15 1.35 5.66
CA TYR A 13 -7.49 1.70 6.10
C TYR A 13 -8.35 0.44 6.28
N LEU A 1 -3.11 -2.07 -4.63
CA LEU A 1 -1.96 -2.91 -4.94
C LEU A 1 -0.88 -2.76 -3.89
N GLY A 2 -0.54 -3.87 -3.23
CA GLY A 2 0.49 -3.83 -2.21
C GLY A 2 0.51 -5.09 -1.37
N GLN A 3 -0.66 -5.52 -0.91
CA GLN A 3 -0.77 -6.72 -0.09
C GLN A 3 0.02 -6.57 1.21
N GLN A 4 -0.48 -5.71 2.10
CA GLN A 4 0.16 -5.46 3.38
C GLN A 4 1.59 -4.96 3.17
N GLN A 5 1.73 -3.70 2.80
CA GLN A 5 3.04 -3.10 2.57
C GLN A 5 2.91 -1.65 2.12
N ALA A 6 1.95 -1.39 1.24
CA ALA A 6 1.72 -0.04 0.73
C ALA A 6 2.95 0.47 -0.02
N PHE A 7 3.17 -0.05 -1.22
CA PHE A 7 4.30 0.37 -2.04
C PHE A 7 4.14 1.81 -2.50
N PRO A 8 3.05 2.09 -3.22
CA PRO A 8 2.75 3.43 -3.73
C PRO A 8 2.38 4.41 -2.62
N PRO A 9 2.35 5.70 -2.96
CA PRO A 9 2.01 6.77 -2.01
C PRO A 9 0.54 6.73 -1.60
N GLN A 10 0.24 5.96 -0.56
CA GLN A 10 -1.13 5.83 -0.07
C GLN A 10 -1.21 4.90 1.12
N GLN A 11 -1.05 5.46 2.33
CA GLN A 11 -1.09 4.67 3.55
C GLN A 11 -2.35 3.81 3.59
N PRO A 12 -2.29 2.72 4.38
CA PRO A 12 -3.42 1.79 4.53
C PRO A 12 -4.58 2.41 5.30
N TYR A 13 -5.65 2.72 4.59
CA TYR A 13 -6.83 3.32 5.21
C TYR A 13 -7.59 2.29 6.04
N LEU A 1 2.67 -9.26 -7.87
CA LEU A 1 2.03 -8.43 -6.85
C LEU A 1 0.57 -8.82 -6.67
N GLY A 2 0.32 -9.68 -5.69
CA GLY A 2 -1.04 -10.13 -5.42
C GLY A 2 -1.63 -9.48 -4.18
N GLN A 3 -1.56 -8.16 -4.12
CA GLN A 3 -2.09 -7.43 -2.97
C GLN A 3 -1.35 -7.81 -1.70
N GLN A 4 -0.09 -7.39 -1.61
CA GLN A 4 0.73 -7.69 -0.44
C GLN A 4 2.08 -6.98 -0.53
N GLN A 5 2.07 -5.67 -0.33
CA GLN A 5 3.29 -4.87 -0.39
C GLN A 5 3.00 -3.40 -0.13
N ALA A 6 2.06 -2.84 -0.90
CA ALA A 6 1.68 -1.44 -0.76
C ALA A 6 2.87 -0.53 -1.06
N PHE A 7 3.23 -0.41 -2.33
CA PHE A 7 4.34 0.43 -2.74
C PHE A 7 4.02 1.90 -2.51
N PRO A 8 2.93 2.39 -3.15
CA PRO A 8 2.50 3.77 -3.03
C PRO A 8 1.95 4.10 -1.64
N PRO A 9 1.76 5.39 -1.36
CA PRO A 9 1.24 5.85 -0.07
C PRO A 9 -0.24 5.49 0.11
N GLN A 10 -0.69 5.48 1.37
CA GLN A 10 -2.07 5.15 1.67
C GLN A 10 -2.32 5.21 3.17
N GLN A 11 -2.69 6.39 3.67
CA GLN A 11 -2.96 6.58 5.09
C GLN A 11 -4.22 7.42 5.30
N PRO A 12 -5.38 6.83 4.96
CA PRO A 12 -6.68 7.50 5.11
C PRO A 12 -7.07 7.69 6.57
N TYR A 13 -6.74 8.85 7.13
CA TYR A 13 -7.07 9.14 8.52
C TYR A 13 -8.37 9.95 8.62
N LEU A 1 -1.37 -11.13 -0.92
CA LEU A 1 -1.01 -11.63 -2.24
C LEU A 1 -1.26 -10.57 -3.31
N GLY A 2 -0.18 -10.04 -3.87
CA GLY A 2 -0.30 -9.03 -4.90
C GLY A 2 0.84 -8.03 -4.87
N GLN A 3 0.99 -7.33 -3.74
CA GLN A 3 2.05 -6.34 -3.61
C GLN A 3 1.88 -5.21 -4.60
N GLN A 4 0.84 -4.40 -4.41
CA GLN A 4 0.57 -3.28 -5.30
C GLN A 4 -0.57 -2.42 -4.78
N GLN A 5 -0.30 -1.63 -3.75
CA GLN A 5 -1.29 -0.77 -3.15
C GLN A 5 -0.72 0.02 -1.98
N ALA A 6 -0.24 1.22 -2.25
CA ALA A 6 0.34 2.07 -1.22
C ALA A 6 1.59 1.44 -0.64
N PHE A 7 2.68 1.46 -1.40
CA PHE A 7 3.94 0.90 -0.95
C PHE A 7 4.53 1.69 0.21
N PRO A 8 4.77 2.99 -0.02
CA PRO A 8 5.32 3.89 0.99
C PRO A 8 4.32 4.18 2.11
N PRO A 9 4.82 4.78 3.20
CA PRO A 9 4.00 5.12 4.36
C PRO A 9 3.03 6.26 4.06
N GLN A 10 1.76 5.92 3.88
CA GLN A 10 0.73 6.91 3.58
C GLN A 10 -0.64 6.25 3.43
N GLN A 11 -1.35 6.11 4.54
CA GLN A 11 -2.67 5.50 4.53
C GLN A 11 -3.58 6.13 5.59
N PRO A 12 -4.02 7.37 5.31
CA PRO A 12 -4.90 8.11 6.22
C PRO A 12 -6.31 7.52 6.27
N TYR A 13 -6.53 6.65 7.26
CA TYR A 13 -7.83 6.02 7.43
C TYR A 13 -8.63 6.68 8.54
N LEU A 1 -2.02 -13.55 -4.13
CA LEU A 1 -0.79 -12.75 -3.96
C LEU A 1 -0.54 -11.87 -5.18
N GLY A 2 -0.84 -10.58 -5.03
CA GLY A 2 -0.63 -9.66 -6.12
C GLY A 2 0.50 -8.68 -5.86
N GLN A 3 0.55 -8.17 -4.63
CA GLN A 3 1.60 -7.21 -4.25
C GLN A 3 1.51 -5.94 -5.10
N GLN A 4 0.46 -5.16 -4.88
CA GLN A 4 0.27 -3.92 -5.62
C GLN A 4 -0.92 -3.14 -5.07
N GLN A 5 -0.68 -2.34 -4.03
CA GLN A 5 -1.73 -1.55 -3.42
C GLN A 5 -1.19 -0.75 -2.24
N ALA A 6 -0.78 0.49 -2.51
CA ALA A 6 -0.24 1.36 -1.48
C ALA A 6 1.05 0.81 -0.90
N PHE A 7 2.13 0.90 -1.68
CA PHE A 7 3.43 0.40 -1.25
C PHE A 7 3.97 1.22 -0.09
N PRO A 8 4.14 2.54 -0.31
CA PRO A 8 4.65 3.45 0.71
C PRO A 8 3.65 3.67 1.84
N PRO A 9 4.12 4.29 2.94
CA PRO A 9 3.29 4.58 4.11
C PRO A 9 2.25 5.66 3.83
N GLN A 10 0.98 5.26 3.80
CA GLN A 10 -0.11 6.19 3.55
C GLN A 10 -1.46 5.48 3.59
N GLN A 11 -2.05 5.43 4.77
CA GLN A 11 -3.35 4.77 4.96
C GLN A 11 -4.48 5.74 4.65
N PRO A 12 -5.68 5.19 4.38
CA PRO A 12 -6.87 5.98 4.09
C PRO A 12 -7.40 6.73 5.31
N TYR A 13 -7.20 8.05 5.30
CA TYR A 13 -7.64 8.89 6.41
C TYR A 13 -9.13 9.17 6.32
#